data_1XSV
#
_entry.id   1XSV
#
_cell.length_a   37.096
_cell.length_b   67.784
_cell.length_c   87.978
_cell.angle_alpha   90.00
_cell.angle_beta   90.00
_cell.angle_gamma   90.00
#
_symmetry.space_group_name_H-M   'P 21 21 21'
#
loop_
_entity.id
_entity.type
_entity.pdbx_description
1 polymer 'Hypothetical UPF0122 protein SAV1236'
2 water water
#
_entity_poly.entity_id   1
_entity_poly.type   'polypeptide(L)'
_entity_poly.pdbx_seq_one_letter_code
;GSHMGQNDLVKTLR(MSE)NYLFDFYQSLLTNKQRNYLELFYLEDYSLSEIADTFNVSRQAVYDNIRRTGDLVEDYEKKL
ELYQKFEQRREIYDE(MSE)KQHLSNPEQIQRYIQQLEDLE
;
_entity_poly.pdbx_strand_id   A,B
#
# COMPACT_ATOMS: atom_id res chain seq x y z
N ASP A 8 -10.27 14.41 -18.07
CA ASP A 8 -9.66 13.89 -19.32
C ASP A 8 -9.78 12.38 -19.34
N LEU A 9 -9.64 11.83 -20.53
CA LEU A 9 -9.74 10.40 -20.70
C LEU A 9 -8.69 9.63 -19.89
N VAL A 10 -7.43 10.06 -19.98
CA VAL A 10 -6.39 9.33 -19.26
C VAL A 10 -6.63 9.32 -17.76
N LYS A 11 -7.01 10.46 -17.19
CA LYS A 11 -7.26 10.45 -15.75
C LYS A 11 -8.42 9.51 -15.45
N THR A 12 -9.43 9.51 -16.31
CA THR A 12 -10.58 8.64 -16.10
C THR A 12 -10.16 7.17 -16.15
N LEU A 13 -9.35 6.81 -17.13
CA LEU A 13 -8.94 5.40 -17.19
C LEU A 13 -8.15 5.02 -15.95
N ARG A 14 -7.23 5.90 -15.54
CA ARG A 14 -6.41 5.62 -14.37
C ARG A 14 -7.22 5.48 -13.11
N ASN A 16 -10.06 4.36 -12.85
CA ASN A 16 -10.68 3.05 -12.88
C ASN A 16 -9.72 1.93 -12.58
N TYR A 17 -8.46 2.05 -12.96
CA TYR A 17 -7.52 0.97 -12.60
C TYR A 17 -7.13 1.02 -11.12
N LEU A 18 -6.93 2.24 -10.62
CA LEU A 18 -6.40 2.44 -9.29
C LEU A 18 -7.37 2.44 -8.12
N PHE A 19 -8.64 2.66 -8.41
CA PHE A 19 -9.63 2.73 -7.35
C PHE A 19 -9.61 1.57 -6.36
N ASP A 20 -9.61 0.33 -6.87
CA ASP A 20 -9.66 -0.79 -5.93
C ASP A 20 -8.44 -0.89 -5.01
N PHE A 21 -7.31 -0.36 -5.45
CA PHE A 21 -6.14 -0.47 -4.61
C PHE A 21 -6.06 0.59 -3.53
N TYR A 22 -6.60 1.79 -3.81
CA TYR A 22 -6.42 2.86 -2.86
C TYR A 22 -7.69 3.45 -2.26
N GLN A 23 -8.86 2.95 -2.66
CA GLN A 23 -10.07 3.57 -2.15
C GLN A 23 -10.18 3.59 -0.63
N SER A 24 -9.60 2.60 0.06
CA SER A 24 -9.70 2.58 1.53
C SER A 24 -8.96 3.72 2.24
N LEU A 25 -8.07 4.41 1.52
CA LEU A 25 -7.30 5.50 2.09
C LEU A 25 -8.05 6.82 2.05
N LEU A 26 -9.12 6.86 1.26
CA LEU A 26 -9.88 8.07 1.07
C LEU A 26 -10.95 8.30 2.11
N THR A 27 -11.33 9.56 2.26
CA THR A 27 -12.43 9.86 3.16
C THR A 27 -13.75 9.46 2.49
N ASN A 28 -14.82 9.42 3.26
CA ASN A 28 -16.08 9.07 2.62
C ASN A 28 -16.44 10.01 1.49
N LYS A 29 -16.28 11.32 1.72
CA LYS A 29 -16.61 12.29 0.69
C LYS A 29 -15.71 12.10 -0.54
N GLN A 30 -14.40 11.98 -0.34
CA GLN A 30 -13.51 11.78 -1.48
C GLN A 30 -13.89 10.54 -2.26
N ARG A 31 -14.17 9.47 -1.55
CA ARG A 31 -14.51 8.22 -2.20
C ARG A 31 -15.80 8.31 -3.01
N ASN A 32 -16.86 8.88 -2.41
CA ASN A 32 -18.13 8.97 -3.12
C ASN A 32 -18.03 9.88 -4.34
N TYR A 33 -17.36 11.02 -4.20
CA TYR A 33 -17.26 11.88 -5.36
C TYR A 33 -16.43 11.24 -6.48
N LEU A 34 -15.34 10.55 -6.13
CA LEU A 34 -14.53 9.92 -7.17
C LEU A 34 -15.36 8.81 -7.85
N GLU A 35 -16.10 8.03 -7.06
CA GLU A 35 -16.96 6.99 -7.65
C GLU A 35 -17.94 7.60 -8.64
N LEU A 36 -18.64 8.64 -8.20
CA LEU A 36 -19.63 9.22 -9.09
C LEU A 36 -19.09 9.83 -10.34
N PHE A 37 -17.98 10.55 -10.23
CA PHE A 37 -17.44 11.25 -11.39
C PHE A 37 -16.69 10.35 -12.34
N TYR A 38 -15.79 9.54 -11.79
CA TYR A 38 -14.98 8.72 -12.65
C TYR A 38 -15.43 7.34 -12.94
N LEU A 39 -16.17 6.74 -12.01
CA LEU A 39 -16.60 5.36 -12.24
C LEU A 39 -18.00 5.32 -12.80
N GLU A 40 -18.82 6.31 -12.45
CA GLU A 40 -20.21 6.34 -12.89
C GLU A 40 -20.59 7.48 -13.83
N ASP A 41 -19.60 8.26 -14.21
CA ASP A 41 -19.78 9.33 -15.20
C ASP A 41 -20.80 10.45 -14.89
N TYR A 42 -20.95 10.80 -13.62
CA TYR A 42 -21.86 11.89 -13.28
C TYR A 42 -21.14 13.23 -13.53
N SER A 43 -21.90 14.27 -13.85
CA SER A 43 -21.29 15.58 -14.06
C SER A 43 -21.14 16.21 -12.70
N LEU A 44 -20.35 17.27 -12.62
CA LEU A 44 -20.14 17.98 -11.36
C LEU A 44 -21.46 18.51 -10.81
N SER A 45 -22.31 19.06 -11.69
CA SER A 45 -23.60 19.60 -11.25
C SER A 45 -24.50 18.50 -10.70
N GLU A 46 -24.44 17.32 -11.30
CA GLU A 46 -25.25 16.22 -10.83
C GLU A 46 -24.78 15.77 -9.45
N ILE A 47 -23.46 15.72 -9.26
CA ILE A 47 -22.93 15.33 -7.95
C ILE A 47 -23.28 16.37 -6.91
N ALA A 48 -23.14 17.64 -7.27
CA ALA A 48 -23.45 18.73 -6.34
C ALA A 48 -24.92 18.67 -5.92
N ASP A 49 -25.79 18.29 -6.85
CA ASP A 49 -27.22 18.21 -6.54
C ASP A 49 -27.51 16.96 -5.71
N THR A 50 -26.80 15.86 -5.99
CA THR A 50 -26.99 14.60 -5.27
C THR A 50 -26.71 14.74 -3.77
N PHE A 51 -25.65 15.47 -3.44
CA PHE A 51 -25.26 15.66 -2.04
C PHE A 51 -25.58 17.06 -1.51
N ASN A 52 -26.28 17.86 -2.32
CA ASN A 52 -26.66 19.20 -1.90
C ASN A 52 -25.44 20.00 -1.43
N VAL A 53 -24.44 20.13 -2.30
CA VAL A 53 -23.22 20.85 -1.98
C VAL A 53 -22.80 21.73 -3.13
N SER A 54 -21.78 22.55 -2.88
CA SER A 54 -21.19 23.47 -3.84
C SER A 54 -20.57 22.73 -5.01
N ARG A 55 -20.94 23.10 -6.23
CA ARG A 55 -20.33 22.46 -7.40
C ARG A 55 -18.83 22.74 -7.36
N GLN A 56 -18.45 23.93 -6.90
CA GLN A 56 -17.04 24.27 -6.85
C GLN A 56 -16.29 23.40 -5.85
N ALA A 57 -16.89 23.17 -4.69
CA ALA A 57 -16.26 22.36 -3.67
C ALA A 57 -16.09 20.95 -4.23
N VAL A 58 -17.06 20.49 -5.00
CA VAL A 58 -16.96 19.15 -5.57
C VAL A 58 -15.80 19.11 -6.56
N TYR A 59 -15.71 20.11 -7.45
CA TYR A 59 -14.62 20.16 -8.41
C TYR A 59 -13.27 20.14 -7.69
N ASP A 60 -13.13 20.98 -6.67
CA ASP A 60 -11.86 21.05 -5.97
C ASP A 60 -11.53 19.74 -5.29
N ASN A 61 -12.54 19.08 -4.72
CA ASN A 61 -12.31 17.83 -4.01
C ASN A 61 -11.88 16.76 -5.01
N ILE A 62 -12.57 16.68 -6.14
CA ILE A 62 -12.19 15.68 -7.14
C ILE A 62 -10.82 15.94 -7.73
N ARG A 63 -10.48 17.21 -7.95
CA ARG A 63 -9.15 17.52 -8.47
C ARG A 63 -8.06 17.09 -7.50
N ARG A 64 -8.22 17.42 -6.21
CA ARG A 64 -7.22 17.02 -5.21
C ARG A 64 -7.14 15.51 -5.07
N THR A 65 -8.30 14.85 -5.12
CA THR A 65 -8.35 13.41 -4.94
C THR A 65 -7.73 12.66 -6.09
N GLY A 66 -7.98 13.14 -7.30
CA GLY A 66 -7.37 12.51 -8.47
C GLY A 66 -5.85 12.56 -8.39
N ASP A 67 -5.33 13.70 -7.96
CA ASP A 67 -3.90 13.86 -7.82
C ASP A 67 -3.39 12.97 -6.71
N LEU A 68 -4.14 12.89 -5.60
CA LEU A 68 -3.74 12.07 -4.46
C LEU A 68 -3.61 10.61 -4.84
N VAL A 69 -4.60 10.10 -5.56
CA VAL A 69 -4.57 8.69 -5.95
C VAL A 69 -3.39 8.39 -6.88
N GLU A 70 -3.13 9.27 -7.84
CA GLU A 70 -1.98 8.99 -8.68
C GLU A 70 -0.70 9.06 -7.86
N ASP A 71 -0.66 9.94 -6.88
CA ASP A 71 0.52 10.03 -6.02
C ASP A 71 0.69 8.74 -5.20
N TYR A 72 -0.40 8.15 -4.72
CA TYR A 72 -0.28 6.86 -4.01
C TYR A 72 0.33 5.82 -4.94
N GLU A 73 -0.08 5.79 -6.21
CA GLU A 73 0.48 4.79 -7.13
C GLU A 73 1.95 5.08 -7.40
N LYS A 74 2.32 6.35 -7.49
CA LYS A 74 3.73 6.68 -7.71
C LYS A 74 4.58 6.22 -6.50
N LYS A 75 4.01 6.31 -5.31
CA LYS A 75 4.71 5.95 -4.09
C LYS A 75 4.70 4.46 -3.72
N LEU A 76 3.57 3.79 -3.96
CA LEU A 76 3.41 2.40 -3.56
C LEU A 76 3.39 1.40 -4.72
N GLU A 77 3.05 1.89 -5.90
CA GLU A 77 3.02 1.08 -7.12
C GLU A 77 2.17 -0.17 -6.99
N LEU A 78 1.07 -0.10 -6.24
CA LEU A 78 0.29 -1.33 -6.08
C LEU A 78 -0.33 -1.91 -7.35
N TYR A 79 -0.86 -1.05 -8.23
CA TYR A 79 -1.49 -1.54 -9.47
C TYR A 79 -0.38 -2.10 -10.37
N GLN A 80 0.68 -1.33 -10.57
CA GLN A 80 1.79 -1.79 -11.44
C GLN A 80 2.35 -3.12 -10.94
N LYS A 81 2.57 -3.22 -9.63
CA LYS A 81 3.14 -4.46 -9.10
C LYS A 81 2.15 -5.64 -9.14
N PHE A 82 0.88 -5.38 -8.88
CA PHE A 82 -0.12 -6.44 -8.96
C PHE A 82 -0.11 -7.00 -10.37
N GLU A 83 -0.04 -6.12 -11.36
CA GLU A 83 -0.05 -6.58 -12.73
C GLU A 83 1.23 -7.27 -13.15
N GLN A 84 2.38 -6.90 -12.58
CA GLN A 84 3.62 -7.60 -12.92
C GLN A 84 3.58 -8.99 -12.30
N ARG A 85 3.04 -9.09 -11.08
CA ARG A 85 2.95 -10.39 -10.41
C ARG A 85 2.00 -11.23 -11.22
N ARG A 86 0.88 -10.65 -11.67
CA ARG A 86 -0.09 -11.41 -12.46
C ARG A 86 0.55 -12.02 -13.70
N GLU A 87 1.40 -11.24 -14.37
CA GLU A 87 2.04 -11.75 -15.57
C GLU A 87 3.02 -12.86 -15.27
N ILE A 88 3.77 -12.72 -14.17
CA ILE A 88 4.73 -13.77 -13.81
C ILE A 88 3.99 -15.07 -13.46
N TYR A 89 2.89 -14.94 -12.71
CA TYR A 89 2.12 -16.14 -12.37
C TYR A 89 1.65 -16.81 -13.64
N ASP A 90 1.21 -16.01 -14.62
CA ASP A 90 0.73 -16.62 -15.86
C ASP A 90 1.87 -17.25 -16.64
N GLU A 91 3.06 -16.67 -16.57
CA GLU A 91 4.21 -17.25 -17.26
C GLU A 91 4.58 -18.55 -16.58
N LYS A 93 2.70 -20.68 -15.23
CA LYS A 93 1.73 -21.69 -15.61
C LYS A 93 2.11 -22.36 -16.91
N GLN A 94 3.02 -21.75 -17.66
CA GLN A 94 3.45 -22.31 -18.93
C GLN A 94 4.73 -23.15 -18.83
N HIS A 95 5.26 -23.28 -17.62
CA HIS A 95 6.52 -24.00 -17.44
C HIS A 95 6.49 -24.82 -16.15
N LEU A 96 5.32 -25.35 -15.83
CA LEU A 96 5.16 -26.10 -14.59
C LEU A 96 6.08 -27.32 -14.47
N SER A 97 6.69 -27.75 -15.57
CA SER A 97 7.57 -28.92 -15.50
C SER A 97 9.02 -28.54 -15.68
N ASN A 98 9.33 -27.27 -15.51
CA ASN A 98 10.70 -26.81 -15.65
C ASN A 98 11.17 -26.24 -14.32
N PRO A 99 11.68 -27.09 -13.42
CA PRO A 99 12.17 -26.71 -12.09
C PRO A 99 13.09 -25.47 -12.08
N GLU A 100 14.08 -25.45 -12.96
CA GLU A 100 15.01 -24.34 -13.02
C GLU A 100 14.30 -23.04 -13.39
N GLN A 101 13.36 -23.14 -14.32
CA GLN A 101 12.62 -21.97 -14.78
C GLN A 101 11.72 -21.47 -13.66
N ILE A 102 11.08 -22.38 -12.94
CA ILE A 102 10.20 -21.96 -11.84
C ILE A 102 11.03 -21.27 -10.77
N GLN A 103 12.22 -21.80 -10.51
CA GLN A 103 13.06 -21.18 -9.50
C GLN A 103 13.39 -19.75 -9.92
N ARG A 104 13.65 -19.54 -11.22
CA ARG A 104 13.97 -18.19 -11.70
C ARG A 104 12.78 -17.24 -11.56
N TYR A 105 11.57 -17.73 -11.81
CA TYR A 105 10.39 -16.87 -11.68
C TYR A 105 10.17 -16.50 -10.21
N ILE A 106 10.44 -17.41 -9.28
CA ILE A 106 10.28 -17.10 -7.87
C ILE A 106 11.28 -15.99 -7.50
N GLN A 107 12.48 -16.07 -8.06
CA GLN A 107 13.50 -15.06 -7.78
C GLN A 107 12.99 -13.70 -8.29
N GLN A 108 12.37 -13.72 -9.47
CA GLN A 108 11.81 -12.50 -10.06
C GLN A 108 10.74 -11.92 -9.15
N LEU A 109 9.91 -12.78 -8.59
CA LEU A 109 8.85 -12.34 -7.69
C LEU A 109 9.43 -11.77 -6.41
N GLU A 110 10.45 -12.40 -5.86
CA GLU A 110 11.06 -11.91 -4.63
C GLU A 110 11.72 -10.55 -4.87
N ASP A 111 12.24 -10.32 -6.06
CA ASP A 111 12.89 -9.05 -6.37
C ASP A 111 11.87 -7.92 -6.52
N LEU A 112 10.61 -8.28 -6.71
CA LEU A 112 9.54 -7.29 -6.84
C LEU A 112 9.15 -6.70 -5.50
N GLU A 113 9.11 -7.55 -4.48
CA GLU A 113 8.73 -7.12 -3.13
C GLU A 113 9.82 -6.26 -2.50
N ASP B 8 3.41 -0.56 26.15
CA ASP B 8 3.20 0.70 25.36
C ASP B 8 4.03 0.65 24.06
N LEU B 9 5.06 1.49 23.92
CA LEU B 9 5.85 1.43 22.68
C LEU B 9 6.76 0.20 22.81
N VAL B 10 6.82 -0.59 21.76
CA VAL B 10 7.64 -1.79 21.78
C VAL B 10 8.37 -1.86 20.46
N LYS B 11 9.67 -2.17 20.48
CA LYS B 11 10.49 -2.23 19.29
C LYS B 11 10.46 -3.64 18.74
N THR B 12 9.56 -3.84 17.79
CA THR B 12 9.31 -5.16 17.19
C THR B 12 9.66 -5.27 15.71
N LEU B 13 9.74 -6.50 15.23
CA LEU B 13 10.01 -6.74 13.83
C LEU B 13 8.89 -6.09 13.02
N ARG B 14 7.68 -6.24 13.51
CA ARG B 14 6.54 -5.70 12.81
C ARG B 14 6.72 -4.24 12.52
N ASN B 16 9.39 -2.50 12.10
CA ASN B 16 10.35 -2.23 11.05
C ASN B 16 9.70 -2.45 9.69
N TYR B 17 8.94 -3.54 9.54
CA TYR B 17 8.31 -3.77 8.26
C TYR B 17 7.24 -2.75 7.94
N LEU B 18 6.42 -2.37 8.91
CA LEU B 18 5.38 -1.41 8.58
C LEU B 18 5.99 -0.11 8.11
N PHE B 19 7.07 0.32 8.75
CA PHE B 19 7.74 1.52 8.32
C PHE B 19 8.27 1.34 6.88
N ASP B 20 8.88 0.21 6.60
CA ASP B 20 9.41 0.01 5.29
C ASP B 20 8.35 0.10 4.19
N PHE B 21 7.18 -0.44 4.48
CA PHE B 21 6.10 -0.42 3.50
C PHE B 21 5.39 0.90 3.33
N TYR B 22 5.20 1.60 4.45
CA TYR B 22 4.41 2.82 4.46
C TYR B 22 5.10 4.16 4.67
N GLN B 23 6.43 4.13 4.80
CA GLN B 23 7.16 5.37 5.07
C GLN B 23 6.89 6.51 4.07
N SER B 24 6.68 6.18 2.79
CA SER B 24 6.52 7.21 1.77
C SER B 24 5.24 8.01 1.96
N LEU B 25 4.29 7.46 2.70
CA LEU B 25 2.99 8.09 2.94
C LEU B 25 3.01 9.13 4.05
N LEU B 26 4.11 9.16 4.81
CA LEU B 26 4.28 10.08 5.95
C LEU B 26 4.95 11.38 5.56
N THR B 27 4.91 12.33 6.49
CA THR B 27 5.58 13.61 6.29
C THR B 27 7.04 13.40 6.68
N ASN B 28 7.89 14.36 6.36
CA ASN B 28 9.32 14.25 6.71
C ASN B 28 9.46 14.12 8.24
N LYS B 29 8.70 14.95 8.97
CA LYS B 29 8.77 14.91 10.42
C LYS B 29 8.32 13.59 11.00
N GLN B 30 7.23 13.04 10.46
CA GLN B 30 6.75 11.75 10.95
C GLN B 30 7.79 10.68 10.67
N ARG B 31 8.37 10.70 9.47
CA ARG B 31 9.40 9.72 9.12
C ARG B 31 10.61 9.90 10.04
N ASN B 32 11.01 11.14 10.31
CA ASN B 32 12.20 11.29 11.10
C ASN B 32 12.02 10.77 12.54
N TYR B 33 10.84 10.98 13.10
CA TYR B 33 10.60 10.46 14.45
C TYR B 33 10.72 8.94 14.47
N LEU B 34 10.10 8.26 13.51
CA LEU B 34 10.20 6.79 13.47
C LEU B 34 11.59 6.27 13.06
N GLU B 35 12.30 7.01 12.20
CA GLU B 35 13.67 6.62 11.83
C GLU B 35 14.53 6.68 13.09
N LEU B 36 14.40 7.74 13.88
CA LEU B 36 15.23 7.82 15.06
C LEU B 36 14.89 6.75 16.08
N PHE B 37 13.60 6.58 16.35
CA PHE B 37 13.22 5.61 17.38
C PHE B 37 13.35 4.17 16.97
N TYR B 38 12.72 3.79 15.87
CA TYR B 38 12.75 2.40 15.49
C TYR B 38 13.91 1.98 14.63
N LEU B 39 14.37 2.82 13.72
CA LEU B 39 15.47 2.38 12.88
C LEU B 39 16.83 2.58 13.47
N GLU B 40 17.02 3.69 14.17
CA GLU B 40 18.28 4.03 14.79
C GLU B 40 18.33 3.63 16.27
N ASP B 41 17.22 3.13 16.79
CA ASP B 41 17.11 2.71 18.19
C ASP B 41 17.47 3.77 19.23
N TYR B 42 17.09 5.02 18.96
CA TYR B 42 17.28 6.08 19.95
C TYR B 42 16.20 5.88 21.00
N SER B 43 16.45 6.35 22.22
CA SER B 43 15.42 6.27 23.24
C SER B 43 14.61 7.58 23.13
N LEU B 44 13.47 7.63 23.81
CA LEU B 44 12.65 8.83 23.82
C LEU B 44 13.43 10.01 24.33
N SER B 45 14.26 9.78 25.34
CA SER B 45 15.09 10.85 25.91
C SER B 45 16.12 11.35 24.90
N GLU B 46 16.74 10.44 24.16
CA GLU B 46 17.72 10.87 23.19
C GLU B 46 17.06 11.70 22.10
N ILE B 47 15.85 11.32 21.70
CA ILE B 47 15.14 12.11 20.68
C ILE B 47 14.74 13.46 21.25
N ALA B 48 14.22 13.44 22.48
CA ALA B 48 13.80 14.69 23.10
C ALA B 48 15.00 15.64 23.15
N ASP B 49 16.19 15.13 23.47
CA ASP B 49 17.37 16.00 23.51
C ASP B 49 17.79 16.48 22.13
N THR B 50 17.61 15.64 21.12
CA THR B 50 17.98 16.01 19.76
C THR B 50 17.06 17.12 19.24
N PHE B 51 15.78 17.02 19.54
CA PHE B 51 14.82 18.02 19.06
C PHE B 51 14.57 19.13 20.07
N ASN B 52 15.14 18.97 21.26
CA ASN B 52 14.96 19.90 22.36
C ASN B 52 13.47 20.13 22.60
N VAL B 53 12.74 19.03 22.74
CA VAL B 53 11.31 19.07 23.01
C VAL B 53 11.10 18.18 24.21
N SER B 54 9.91 18.19 24.77
CA SER B 54 9.66 17.38 25.96
C SER B 54 9.54 15.90 25.61
N ARG B 55 9.83 15.05 26.58
CA ARG B 55 9.71 13.61 26.38
C ARG B 55 8.26 13.27 26.02
N GLN B 56 7.31 13.96 26.65
CA GLN B 56 5.91 13.73 26.39
C GLN B 56 5.61 13.99 24.93
N ALA B 57 6.17 15.08 24.41
CA ALA B 57 5.96 15.45 23.02
C ALA B 57 6.50 14.38 22.06
N VAL B 58 7.68 13.86 22.37
CA VAL B 58 8.29 12.81 21.56
C VAL B 58 7.42 11.56 21.61
N TYR B 59 7.00 11.18 22.80
CA TYR B 59 6.14 10.02 22.96
C TYR B 59 4.84 10.16 22.16
N ASP B 60 4.14 11.29 22.29
CA ASP B 60 2.91 11.37 21.53
C ASP B 60 3.13 11.36 20.02
N ASN B 61 4.23 11.96 19.56
CA ASN B 61 4.52 11.99 18.14
C ASN B 61 4.79 10.56 17.67
N ILE B 62 5.58 9.80 18.41
CA ILE B 62 5.88 8.44 17.95
C ILE B 62 4.64 7.54 18.06
N ARG B 63 3.88 7.69 19.14
CA ARG B 63 2.69 6.89 19.33
C ARG B 63 1.69 7.17 18.18
N ARG B 64 1.43 8.44 17.91
CA ARG B 64 0.48 8.78 16.86
C ARG B 64 0.88 8.32 15.45
N THR B 65 2.16 8.49 15.13
CA THR B 65 2.68 8.11 13.83
C THR B 65 2.67 6.59 13.70
N GLY B 66 3.00 5.90 14.78
CA GLY B 66 2.94 4.45 14.75
C GLY B 66 1.49 4.01 14.54
N ASP B 67 0.54 4.69 15.16
CA ASP B 67 -0.85 4.29 14.97
C ASP B 67 -1.29 4.53 13.52
N LEU B 68 -0.75 5.59 12.90
CA LEU B 68 -1.07 5.89 11.51
C LEU B 68 -0.54 4.78 10.61
N VAL B 69 0.67 4.33 10.88
CA VAL B 69 1.22 3.26 10.05
C VAL B 69 0.40 1.96 10.23
N GLU B 70 -0.07 1.69 11.45
CA GLU B 70 -0.89 0.50 11.67
C GLU B 70 -2.22 0.69 10.95
N ASP B 71 -2.71 1.93 10.89
CA ASP B 71 -3.97 2.20 10.18
C ASP B 71 -3.75 1.90 8.69
N TYR B 72 -2.61 2.30 8.15
CA TYR B 72 -2.35 2.00 6.74
C TYR B 72 -2.30 0.50 6.50
N GLU B 73 -1.71 -0.25 7.43
CA GLU B 73 -1.63 -1.69 7.26
C GLU B 73 -3.00 -2.34 7.31
N LYS B 74 -3.89 -1.85 8.17
CA LYS B 74 -5.24 -2.42 8.23
C LYS B 74 -5.98 -2.18 6.91
N LYS B 75 -5.73 -1.03 6.30
CA LYS B 75 -6.40 -0.71 5.03
C LYS B 75 -5.79 -1.37 3.81
N LEU B 76 -4.46 -1.38 3.73
CA LEU B 76 -3.76 -1.91 2.57
C LEU B 76 -3.23 -3.32 2.66
N GLU B 77 -2.99 -3.77 3.89
CA GLU B 77 -2.55 -5.12 4.16
C GLU B 77 -1.26 -5.52 3.44
N LEU B 78 -0.35 -4.57 3.19
CA LEU B 78 0.85 -4.93 2.46
C LEU B 78 1.73 -5.88 3.23
N TYR B 79 1.86 -5.72 4.54
CA TYR B 79 2.71 -6.62 5.29
C TYR B 79 2.07 -8.01 5.39
N GLN B 80 0.77 -8.07 5.68
CA GLN B 80 0.14 -9.38 5.78
C GLN B 80 0.23 -10.12 4.43
N LYS B 81 0.11 -9.41 3.31
CA LYS B 81 0.23 -10.07 2.01
C LYS B 81 1.68 -10.50 1.72
N PHE B 82 2.62 -9.63 2.06
CA PHE B 82 4.04 -9.97 1.89
C PHE B 82 4.37 -11.21 2.74
N GLU B 83 3.86 -11.29 3.97
CA GLU B 83 4.16 -12.42 4.82
C GLU B 83 3.64 -13.72 4.24
N GLN B 84 2.42 -13.71 3.76
CA GLN B 84 1.92 -14.95 3.18
C GLN B 84 2.66 -15.32 1.89
N ARG B 85 3.03 -14.35 1.07
CA ARG B 85 3.75 -14.67 -0.15
C ARG B 85 5.11 -15.25 0.18
N ARG B 86 5.76 -14.69 1.22
CA ARG B 86 7.09 -15.18 1.61
C ARG B 86 6.99 -16.64 2.02
N GLU B 87 5.96 -16.99 2.78
CA GLU B 87 5.78 -18.37 3.20
C GLU B 87 5.58 -19.28 1.98
N ILE B 88 4.75 -18.82 1.03
CA ILE B 88 4.50 -19.60 -0.18
C ILE B 88 5.77 -19.77 -1.01
N TYR B 89 6.55 -18.71 -1.18
CA TYR B 89 7.77 -18.87 -1.96
C TYR B 89 8.67 -19.93 -1.33
N ASP B 90 8.76 -19.94 -0.01
CA ASP B 90 9.62 -20.93 0.63
C ASP B 90 9.12 -22.34 0.37
N GLU B 91 7.81 -22.55 0.45
CA GLU B 91 7.25 -23.87 0.21
C GLU B 91 7.44 -24.26 -1.25
N LYS B 93 9.82 -23.45 -3.15
CA LYS B 93 11.23 -23.80 -3.33
C LYS B 93 11.56 -25.21 -2.85
N GLN B 94 10.56 -25.89 -2.28
CA GLN B 94 10.71 -27.26 -1.80
C GLN B 94 10.00 -28.24 -2.72
N HIS B 95 9.29 -27.71 -3.71
CA HIS B 95 8.52 -28.53 -4.64
C HIS B 95 8.67 -28.11 -6.10
N LEU B 96 9.86 -27.63 -6.45
CA LEU B 96 10.16 -27.16 -7.79
C LEU B 96 9.93 -28.21 -8.88
N SER B 97 9.99 -29.49 -8.50
CA SER B 97 9.79 -30.59 -9.44
C SER B 97 8.39 -31.22 -9.42
N ASN B 98 7.42 -30.54 -8.84
CA ASN B 98 6.07 -31.09 -8.78
C ASN B 98 5.13 -30.04 -9.38
N PRO B 99 4.72 -30.22 -10.64
CA PRO B 99 3.83 -29.30 -11.34
C PRO B 99 2.51 -29.02 -10.60
N GLU B 100 1.95 -30.06 -9.99
CA GLU B 100 0.69 -29.90 -9.26
C GLU B 100 0.83 -29.02 -8.01
N GLN B 101 1.95 -29.18 -7.31
CA GLN B 101 2.22 -28.37 -6.13
C GLN B 101 2.43 -26.92 -6.56
N ILE B 102 3.27 -26.71 -7.57
CA ILE B 102 3.52 -25.34 -8.03
C ILE B 102 2.22 -24.71 -8.50
N GLN B 103 1.41 -25.48 -9.21
CA GLN B 103 0.15 -24.94 -9.68
C GLN B 103 -0.75 -24.49 -8.52
N ARG B 104 -0.82 -25.29 -7.48
CA ARG B 104 -1.69 -24.91 -6.37
C ARG B 104 -1.12 -23.75 -5.56
N TYR B 105 0.21 -23.64 -5.48
CA TYR B 105 0.80 -22.52 -4.78
C TYR B 105 0.55 -21.25 -5.61
N ILE B 106 0.61 -21.35 -6.94
CA ILE B 106 0.34 -20.15 -7.75
C ILE B 106 -1.11 -19.71 -7.46
N GLN B 107 -2.02 -20.67 -7.33
CA GLN B 107 -3.42 -20.34 -7.05
C GLN B 107 -3.51 -19.60 -5.73
N GLN B 108 -2.74 -20.06 -4.74
CA GLN B 108 -2.78 -19.41 -3.42
C GLN B 108 -2.23 -17.98 -3.50
N LEU B 109 -1.19 -17.78 -4.31
CA LEU B 109 -0.62 -16.44 -4.51
C LEU B 109 -1.66 -15.52 -5.14
N GLU B 110 -2.43 -16.06 -6.09
CA GLU B 110 -3.46 -15.24 -6.71
C GLU B 110 -4.60 -14.95 -5.73
N ASP B 111 -4.94 -15.92 -4.89
CA ASP B 111 -6.08 -15.73 -3.99
C ASP B 111 -5.83 -14.79 -2.84
N LEU B 112 -4.58 -14.61 -2.46
CA LEU B 112 -4.32 -13.74 -1.33
C LEU B 112 -4.31 -12.27 -1.70
N GLU B 113 -4.32 -11.97 -3.00
CA GLU B 113 -4.28 -10.60 -3.48
C GLU B 113 -5.49 -9.76 -3.03
#